data_8XC5
#
_entry.id   8XC5
#
_cell.length_a   1.00
_cell.length_b   1.00
_cell.length_c   1.00
_cell.angle_alpha   90.00
_cell.angle_beta   90.00
_cell.angle_gamma   90.00
#
_symmetry.space_group_name_H-M   'P 1'
#
loop_
_entity.id
_entity.type
_entity.pdbx_description
1 polymer 'Pancreatic secretory granule membrane major glycoprotein GP2'
2 non-polymer 2-acetamido-2-deoxy-beta-D-glucopyranose
#
_entity_poly.entity_id   1
_entity_poly.type   'polypeptide(L)'
_entity_poly.pdbx_seq_one_letter_code
;MPHLMERMVGSGLLWLALVSCILTQASAVQRGYGNPIEASSYGLDLDCGAPGTPEAHVCFDPCQNYTLLDEPFRSTENSA
GSQGCDKNMSGWYRFVGEGGVRMSETCVQVHRCQTDAPMWLNGTHPALGDGITNHTACAHWSGNCCFWKTEVLVKACPGG
YHVYRLEGTPWCNLRYCTVPRDPSTVEDKCEKACRPEEECLALNSTWGCFCRQDLNSSDVHSLQPQLDCGPREIKVKVDK
CLLGGLGLGEEVIAYLRDPNCSSILQTEERNWVSVTSPVQASACRNILERNQTHAIYKNTLSLVNDFIIRDTILNINFQC
AYPLDMKVSLQAALQPIVSSLNVSVDGNGEFIVRMALFQDQNYTNPYEGDAVELSVESVLYVGAILEQGDTSRFNLVLRN
CYATPTEDKADLVKYFIIRNSCSNQRDSTIHVEENGQSSESRFSVQMFMFAGHYDLVFLHCEIHLCDSLNEQCQPSCSRS
QVRSEVPAIDLARVLDLGPITRRGAQSPGVMNGTPSTAGFLVAWPMVLLTVLLAWLF
;
_entity_poly.pdbx_strand_id   A,B,C
#
# COMPACT_ATOMS: atom_id res chain seq x y z
N LEU A 324 -7.20 26.20 10.90
CA LEU A 324 -8.34 25.31 11.00
C LEU A 324 -8.28 24.11 10.06
N ASP A 325 -7.25 23.99 9.22
CA ASP A 325 -7.18 22.93 8.22
C ASP A 325 -5.78 22.30 8.21
N MET A 326 -5.26 21.97 9.38
CA MET A 326 -3.91 21.44 9.46
C MET A 326 -3.85 20.00 8.95
N LYS A 327 -2.66 19.60 8.53
CA LYS A 327 -2.40 18.27 8.00
C LYS A 327 -1.71 17.41 9.04
N VAL A 328 -2.12 16.15 9.13
CA VAL A 328 -1.67 15.24 10.17
C VAL A 328 -1.24 13.92 9.52
N SER A 329 -0.11 13.38 9.97
CA SER A 329 0.42 12.14 9.43
C SER A 329 0.73 11.15 10.55
N LEU A 330 0.68 9.87 10.21
CA LEU A 330 0.98 8.80 11.14
C LEU A 330 2.49 8.59 11.21
N GLN A 331 3.00 8.50 12.43
CA GLN A 331 4.45 8.40 12.65
C GLN A 331 4.86 6.93 12.85
N ALA A 332 4.66 6.13 11.82
CA ALA A 332 5.09 4.74 11.82
C ALA A 332 5.01 4.20 10.40
N ALA A 333 5.63 3.04 10.19
CA ALA A 333 5.62 2.36 8.91
C ALA A 333 4.79 1.09 9.01
N LEU A 334 3.99 0.84 7.98
CA LEU A 334 3.09 -0.31 7.93
C LEU A 334 3.75 -1.36 7.05
N GLN A 335 4.29 -2.41 7.68
CA GLN A 335 5.07 -3.42 6.97
C GLN A 335 4.29 -4.73 6.88
N PRO A 336 3.72 -5.06 5.72
CA PRO A 336 2.96 -6.31 5.60
C PRO A 336 3.86 -7.53 5.42
N ILE A 337 3.25 -8.70 5.50
CA ILE A 337 3.95 -9.98 5.42
C ILE A 337 3.34 -10.70 4.20
N VAL A 338 3.09 -9.93 3.15
CA VAL A 338 2.54 -10.51 1.93
C VAL A 338 3.49 -11.57 1.39
N SER A 339 2.97 -12.77 1.18
CA SER A 339 3.77 -13.85 0.62
C SER A 339 2.83 -14.85 -0.04
N SER A 340 3.32 -15.48 -1.11
CA SER A 340 2.43 -16.39 -1.85
C SER A 340 3.16 -17.59 -2.45
N LEU A 341 2.62 -18.13 -3.55
CA LEU A 341 3.18 -19.38 -4.14
C LEU A 341 4.36 -19.08 -5.07
N ASN A 342 5.57 -19.48 -4.68
CA ASN A 342 6.73 -19.34 -5.53
C ASN A 342 6.64 -20.31 -6.70
N VAL A 343 7.18 -19.90 -7.85
CA VAL A 343 7.22 -20.73 -9.05
C VAL A 343 8.60 -20.58 -9.68
N SER A 344 8.97 -21.55 -10.51
CA SER A 344 10.22 -21.48 -11.27
C SER A 344 10.09 -22.30 -12.53
N VAL A 345 10.71 -21.82 -13.62
CA VAL A 345 10.71 -22.49 -14.91
C VAL A 345 12.09 -22.35 -15.54
N ASP A 346 12.27 -22.99 -16.69
CA ASP A 346 13.54 -23.02 -17.41
C ASP A 346 13.31 -22.72 -18.88
N GLY A 347 14.39 -22.39 -19.58
CA GLY A 347 14.31 -22.15 -21.01
C GLY A 347 15.68 -22.17 -21.66
N ASN A 348 15.68 -22.20 -22.99
CA ASN A 348 16.89 -22.17 -23.77
C ASN A 348 16.70 -21.24 -24.97
N GLY B 349 -0.79 30.52 16.07
CA GLY B 349 -0.63 29.33 16.88
C GLY B 349 -0.85 28.03 16.12
N GLU B 350 -0.94 26.91 16.84
CA GLU B 350 -1.14 25.61 16.22
C GLU B 350 -1.95 24.73 17.15
N PHE B 351 -3.05 24.17 16.65
CA PHE B 351 -3.80 23.15 17.37
C PHE B 351 -3.22 21.79 16.99
N ILE B 352 -2.15 21.40 17.67
CA ILE B 352 -1.44 20.20 17.27
C ILE B 352 -2.35 18.99 17.42
N VAL B 353 -2.64 18.34 16.31
CA VAL B 353 -3.48 17.15 16.26
C VAL B 353 -2.59 15.94 16.06
N ARG B 354 -2.88 14.87 16.76
CA ARG B 354 -2.07 13.66 16.70
C ARG B 354 -2.96 12.48 16.32
N MET B 355 -2.33 11.44 15.79
CA MET B 355 -3.04 10.22 15.44
C MET B 355 -2.11 9.04 15.68
N ALA B 356 -2.64 7.99 16.29
CA ALA B 356 -1.87 6.81 16.65
C ALA B 356 -2.47 5.58 15.98
N LEU B 357 -1.95 4.42 16.36
CA LEU B 357 -2.37 3.14 15.79
C LEU B 357 -2.70 2.17 16.92
N PHE B 358 -3.95 1.73 16.98
CA PHE B 358 -4.40 0.76 17.96
C PHE B 358 -4.45 -0.64 17.36
N GLN B 359 -4.16 -1.64 18.19
CA GLN B 359 -4.03 -3.01 17.73
C GLN B 359 -5.35 -3.72 17.46
N ASP B 360 -6.41 -3.37 18.18
CA ASP B 360 -7.68 -4.08 18.09
C ASP B 360 -8.81 -3.10 17.85
N GLN B 361 -9.99 -3.62 17.52
CA GLN B 361 -11.19 -2.80 17.56
C GLN B 361 -11.37 -2.20 18.94
N ASN B 362 -10.93 -2.93 19.97
CA ASN B 362 -10.60 -2.36 21.26
C ASN B 362 -9.83 -1.07 21.09
N TYR B 363 -10.42 0.04 21.52
CA TYR B 363 -9.80 1.35 21.35
C TYR B 363 -9.01 1.79 22.58
N THR B 364 -8.10 0.94 23.04
CA THR B 364 -7.12 1.28 24.06
C THR B 364 -6.02 0.22 23.98
N ASN B 365 -5.08 0.25 24.93
CA ASN B 365 -3.90 -0.59 24.94
C ASN B 365 -3.31 -0.70 23.53
N PRO B 366 -3.05 0.42 22.88
CA PRO B 366 -2.67 0.36 21.46
C PRO B 366 -1.21 0.00 21.28
N TYR B 367 -0.75 0.01 20.04
CA TYR B 367 0.68 -0.14 19.77
C TYR B 367 1.42 1.11 20.20
N GLU B 368 2.64 0.92 20.72
CA GLU B 368 3.49 2.07 20.97
C GLU B 368 3.88 2.74 19.67
N GLY B 369 4.36 1.97 18.70
CA GLY B 369 4.53 2.44 17.35
C GLY B 369 5.95 2.81 17.00
N ASP B 370 6.68 1.89 16.38
CA ASP B 370 7.94 2.19 15.73
C ASP B 370 7.94 1.79 14.27
N ALA B 371 7.56 0.54 13.97
CA ALA B 371 7.34 0.09 12.60
C ALA B 371 6.50 -1.18 12.72
N VAL B 372 5.27 -1.14 12.26
CA VAL B 372 4.31 -2.19 12.55
C VAL B 372 4.28 -3.20 11.41
N GLU B 373 4.25 -4.48 11.79
CA GLU B 373 4.17 -5.58 10.84
C GLU B 373 2.80 -6.22 10.95
N LEU B 374 2.10 -6.32 9.83
CA LEU B 374 0.72 -6.82 9.84
C LEU B 374 0.52 -7.82 8.71
N SER B 375 -0.38 -8.77 8.96
CA SER B 375 -0.85 -9.61 7.87
C SER B 375 -1.62 -8.76 6.88
N VAL B 376 -1.41 -9.03 5.60
CA VAL B 376 -2.16 -8.33 4.57
C VAL B 376 -3.67 -8.54 4.74
N GLU B 377 -4.06 -9.66 5.33
CA GLU B 377 -5.45 -9.92 5.69
C GLU B 377 -5.86 -9.23 6.98
N SER B 378 -4.91 -8.87 7.84
CA SER B 378 -5.24 -8.34 9.16
C SER B 378 -5.83 -6.93 9.05
N VAL B 379 -6.13 -6.35 10.20
CA VAL B 379 -6.77 -5.04 10.28
C VAL B 379 -6.00 -4.18 11.27
N LEU B 380 -5.86 -2.90 10.94
CA LEU B 380 -5.28 -1.91 11.83
C LEU B 380 -6.30 -0.81 12.09
N TYR B 381 -6.12 -0.10 13.20
CA TYR B 381 -7.11 0.85 13.70
C TYR B 381 -6.41 2.17 14.04
N VAL B 382 -6.51 3.13 13.13
CA VAL B 382 -5.92 4.45 13.28
C VAL B 382 -7.03 5.44 13.60
N GLY B 383 -6.80 6.26 14.62
CA GLY B 383 -7.78 7.26 15.00
C GLY B 383 -7.16 8.62 15.22
N ALA B 384 -7.68 9.64 14.55
CA ALA B 384 -7.17 10.99 14.72
C ALA B 384 -7.77 11.59 15.97
N ILE B 385 -6.92 12.02 16.90
CA ILE B 385 -7.35 12.55 18.19
C ILE B 385 -6.98 14.02 18.25
N LEU B 386 -7.87 14.84 18.80
CA LEU B 386 -7.59 16.26 19.00
C LEU B 386 -7.05 16.47 20.40
N GLU B 387 -5.95 15.78 20.67
CA GLU B 387 -5.22 16.02 21.91
C GLU B 387 -4.57 17.41 21.85
N GLN B 388 -4.36 18.00 23.03
CA GLN B 388 -3.65 19.26 23.16
C GLN B 388 -4.32 20.35 22.31
N GLY B 389 -5.57 20.65 22.65
CA GLY B 389 -6.32 21.63 21.90
C GLY B 389 -7.49 22.16 22.70
N ASP B 390 -8.42 22.80 22.00
CA ASP B 390 -9.63 23.33 22.61
C ASP B 390 -10.42 22.21 23.27
N THR B 391 -10.93 21.29 22.44
CA THR B 391 -11.50 20.02 22.90
C THR B 391 -12.78 20.19 23.70
N SER B 392 -13.16 21.44 23.99
CA SER B 392 -14.40 21.70 24.71
C SER B 392 -15.57 21.88 23.75
N ARG B 393 -15.32 22.52 22.61
CA ARG B 393 -16.34 22.69 21.59
C ARG B 393 -15.85 22.37 20.19
N PHE B 394 -14.54 22.40 19.94
CA PHE B 394 -14.01 22.11 18.61
C PHE B 394 -14.05 20.61 18.35
N ASN B 395 -14.75 20.21 17.28
CA ASN B 395 -14.76 18.84 16.83
C ASN B 395 -13.49 18.56 16.05
N LEU B 396 -13.44 17.45 15.33
CA LEU B 396 -12.28 17.14 14.49
C LEU B 396 -12.75 16.26 13.34
N VAL B 397 -13.01 16.86 12.19
CA VAL B 397 -13.45 16.09 11.05
C VAL B 397 -12.25 15.40 10.40
N LEU B 398 -12.53 14.35 9.64
CA LEU B 398 -11.51 13.63 8.90
C LEU B 398 -11.78 13.84 7.42
N ARG B 399 -11.09 14.80 6.81
CA ARG B 399 -11.42 15.22 5.46
C ARG B 399 -10.73 14.38 4.39
N ASN B 400 -9.42 14.20 4.49
CA ASN B 400 -8.66 13.55 3.43
C ASN B 400 -7.61 12.59 3.98
N CYS B 401 -7.99 11.74 4.92
CA CYS B 401 -7.09 10.66 5.32
C CYS B 401 -6.79 9.78 4.11
N TYR B 402 -5.49 9.56 3.85
CA TYR B 402 -5.08 8.78 2.68
C TYR B 402 -3.74 8.11 2.97
N ALA B 403 -3.32 7.27 2.03
CA ALA B 403 -2.10 6.50 2.17
C ALA B 403 -1.24 6.62 0.92
N THR B 404 0.07 6.50 1.10
CA THR B 404 1.04 6.66 0.03
C THR B 404 2.28 5.86 0.36
N PRO B 405 2.97 5.29 -0.65
CA PRO B 405 4.18 4.49 -0.41
C PRO B 405 5.46 5.32 -0.39
N THR B 406 5.43 6.44 0.34
CA THR B 406 6.56 7.34 0.43
C THR B 406 6.32 8.31 1.58
N GLU B 407 7.37 8.62 2.34
CA GLU B 407 7.24 9.56 3.44
C GLU B 407 6.67 10.89 2.97
N ASP B 408 7.07 11.32 1.77
CA ASP B 408 6.55 12.55 1.20
C ASP B 408 5.06 12.43 0.92
N LYS B 409 4.33 13.50 1.21
CA LYS B 409 2.88 13.51 0.98
C LYS B 409 2.51 13.73 -0.47
N ALA B 410 3.46 14.09 -1.32
CA ALA B 410 3.20 14.37 -2.73
C ALA B 410 3.82 13.24 -3.55
N ASP B 411 3.02 12.22 -3.82
CA ASP B 411 3.42 11.10 -4.65
C ASP B 411 2.48 10.99 -5.85
N LEU B 412 3.00 10.41 -6.93
CA LEU B 412 2.17 10.24 -8.12
C LEU B 412 0.99 9.32 -7.84
N VAL B 413 1.22 8.23 -7.10
CA VAL B 413 0.17 7.31 -6.71
C VAL B 413 0.02 7.34 -5.20
N LYS B 414 -1.19 7.07 -4.73
CA LYS B 414 -1.52 7.15 -3.31
C LYS B 414 -2.87 6.51 -3.08
N TYR B 415 -2.99 5.77 -1.96
CA TYR B 415 -4.26 5.16 -1.61
C TYR B 415 -5.20 6.19 -1.00
N PHE B 416 -6.47 6.10 -1.39
CA PHE B 416 -7.44 7.14 -1.02
C PHE B 416 -7.86 7.04 0.43
N ILE B 417 -8.10 5.82 0.93
CA ILE B 417 -8.52 5.56 2.31
C ILE B 417 -9.87 6.23 2.56
N ILE B 418 -9.91 7.57 2.59
CA ILE B 418 -11.14 8.35 2.53
C ILE B 418 -10.87 9.65 1.78
N ARG B 419 -11.57 9.85 0.66
CA ARG B 419 -11.61 11.13 -0.02
C ARG B 419 -12.89 11.86 0.38
N ASN B 420 -13.06 13.06 -0.17
CA ASN B 420 -14.25 13.90 -0.01
C ASN B 420 -14.89 13.72 1.37
N SER B 421 -14.07 13.87 2.40
CA SER B 421 -14.49 14.03 3.80
C SER B 421 -15.00 12.76 4.47
N CYS B 422 -15.22 11.69 3.71
CA CYS B 422 -15.75 10.48 4.35
C CYS B 422 -15.77 9.31 3.38
N SER B 423 -15.41 8.12 3.88
CA SER B 423 -15.86 6.84 3.36
C SER B 423 -15.52 6.67 1.87
N ASN B 424 -14.23 6.55 1.61
CA ASN B 424 -13.79 6.25 0.24
C ASN B 424 -14.42 4.95 -0.23
N GLN B 425 -14.79 4.92 -1.50
CA GLN B 425 -15.37 3.76 -2.12
C GLN B 425 -14.26 2.84 -2.62
N ARG B 426 -14.60 1.86 -3.46
CA ARG B 426 -13.63 1.03 -4.17
C ARG B 426 -12.86 0.13 -3.20
N ASP B 427 -13.10 0.28 -1.91
CA ASP B 427 -12.48 -0.54 -0.88
C ASP B 427 -13.54 -1.42 -0.23
N SER B 428 -13.27 -2.72 -0.17
CA SER B 428 -14.24 -3.65 0.37
C SER B 428 -14.52 -3.37 1.84
N THR B 429 -13.47 -3.15 2.62
CA THR B 429 -13.58 -3.00 4.07
C THR B 429 -13.04 -1.65 4.52
N ILE B 430 -13.95 -0.71 4.72
CA ILE B 430 -13.67 0.62 5.26
C ILE B 430 -14.73 0.93 6.31
N HIS B 431 -14.30 1.42 7.47
CA HIS B 431 -15.27 1.82 8.48
C HIS B 431 -14.78 3.04 9.22
N VAL B 432 -15.43 4.18 8.97
CA VAL B 432 -15.20 5.40 9.74
C VAL B 432 -16.15 5.33 10.93
N GLU B 433 -15.62 4.85 12.06
CA GLU B 433 -16.47 4.54 13.20
C GLU B 433 -17.08 5.80 13.79
N GLU B 434 -16.25 6.71 14.28
CA GLU B 434 -16.69 7.93 14.94
C GLU B 434 -15.86 9.12 14.49
N ASN B 435 -15.71 9.29 13.19
CA ASN B 435 -15.16 10.53 12.66
C ASN B 435 -16.21 11.63 12.81
N GLY B 436 -15.75 12.83 13.14
CA GLY B 436 -16.67 13.95 13.25
C GLY B 436 -16.82 14.58 14.61
N GLN B 437 -17.94 14.30 15.28
CA GLN B 437 -18.37 15.09 16.42
C GLN B 437 -17.33 15.11 17.54
N SER B 438 -16.89 13.94 17.98
CA SER B 438 -15.97 13.89 19.11
C SER B 438 -14.60 14.44 18.72
N SER B 439 -13.86 14.89 19.73
CA SER B 439 -12.47 15.28 19.50
C SER B 439 -11.61 14.11 19.06
N GLU B 440 -12.15 12.90 19.04
CA GLU B 440 -11.45 11.72 18.57
C GLU B 440 -12.20 11.18 17.35
N SER B 441 -11.48 11.00 16.26
CA SER B 441 -12.06 10.45 15.04
C SER B 441 -11.32 9.17 14.66
N ARG B 442 -12.07 8.08 14.48
CA ARG B 442 -11.52 6.75 14.34
C ARG B 442 -12.00 6.09 13.06
N PHE B 443 -11.10 5.40 12.36
CA PHE B 443 -11.50 4.64 11.19
C PHE B 443 -10.59 3.43 11.01
N SER B 444 -11.08 2.46 10.25
CA SER B 444 -10.44 1.16 10.12
C SER B 444 -10.35 0.76 8.65
N VAL B 445 -9.18 0.23 8.28
CA VAL B 445 -8.89 -0.31 6.96
C VAL B 445 -8.18 -1.65 7.11
N GLN B 446 -8.29 -2.49 6.09
CA GLN B 446 -7.48 -3.70 6.01
C GLN B 446 -6.09 -3.35 5.50
N MET B 447 -5.08 -4.02 6.03
CA MET B 447 -3.72 -3.83 5.55
C MET B 447 -3.61 -4.05 4.05
N PHE B 448 -2.59 -3.46 3.46
CA PHE B 448 -2.39 -3.50 2.02
C PHE B 448 -0.93 -3.19 1.72
N MET B 449 -0.53 -3.44 0.48
CA MET B 449 0.73 -2.93 -0.01
C MET B 449 0.66 -2.87 -1.53
N PHE B 450 1.23 -1.81 -2.08
CA PHE B 450 0.93 -1.30 -3.40
C PHE B 450 1.53 -2.20 -4.49
N ALA B 451 1.38 -1.75 -5.73
CA ALA B 451 2.00 -2.43 -6.87
C ALA B 451 3.49 -2.11 -6.87
N GLY B 452 4.21 -2.61 -7.88
CA GLY B 452 5.63 -2.35 -7.90
C GLY B 452 6.37 -3.11 -6.81
N HIS B 453 7.54 -2.60 -6.44
CA HIS B 453 8.42 -3.25 -5.47
C HIS B 453 8.77 -2.25 -4.38
N TYR B 454 7.89 -2.15 -3.38
CA TYR B 454 8.20 -1.40 -2.17
C TYR B 454 7.23 -1.82 -1.07
N ASP B 455 7.78 -2.32 0.03
CA ASP B 455 6.97 -2.67 1.21
C ASP B 455 7.10 -1.54 2.24
N LEU B 456 6.45 -0.43 1.93
CA LEU B 456 6.49 0.74 2.80
C LEU B 456 5.19 1.52 2.57
N VAL B 457 4.27 1.39 3.51
CA VAL B 457 2.96 2.04 3.41
C VAL B 457 2.83 3.04 4.54
N PHE B 458 2.43 4.26 4.20
CA PHE B 458 2.32 5.36 5.15
C PHE B 458 0.93 5.95 5.06
N LEU B 459 0.51 6.61 6.14
CA LEU B 459 -0.83 7.20 6.23
C LEU B 459 -0.72 8.70 6.44
N HIS B 460 -1.42 9.46 5.59
CA HIS B 460 -1.48 10.91 5.68
C HIS B 460 -2.94 11.35 5.69
N CYS B 461 -3.21 12.47 6.37
CA CYS B 461 -4.58 12.91 6.54
C CYS B 461 -4.65 14.43 6.53
N GLU B 462 -5.81 14.93 6.10
CA GLU B 462 -6.16 16.34 6.19
C GLU B 462 -7.34 16.47 7.15
N ILE B 463 -7.23 17.39 8.09
CA ILE B 463 -8.17 17.49 9.20
C ILE B 463 -8.66 18.93 9.30
N HIS B 464 -9.98 19.10 9.37
CA HIS B 464 -10.61 20.40 9.50
C HIS B 464 -11.32 20.46 10.84
N LEU B 465 -11.12 21.54 11.59
CA LEU B 465 -11.61 21.62 12.96
C LEU B 465 -12.95 22.34 12.97
N CYS B 466 -14.02 21.57 12.87
CA CYS B 466 -15.36 22.11 13.05
C CYS B 466 -15.56 22.62 14.47
N ASP B 467 -16.61 23.41 14.65
CA ASP B 467 -17.07 23.80 15.97
C ASP B 467 -18.54 23.46 16.11
N SER B 468 -18.96 23.13 17.34
CA SER B 468 -20.31 22.66 17.59
C SER B 468 -21.25 23.77 18.10
N LEU B 469 -20.94 25.03 17.81
CA LEU B 469 -21.83 26.14 18.13
C LEU B 469 -22.32 26.75 16.84
N ASN B 470 -23.64 26.66 16.60
CA ASN B 470 -24.32 27.19 15.42
C ASN B 470 -23.60 26.87 14.13
N GLU B 471 -22.87 25.75 14.12
CA GLU B 471 -22.10 25.31 12.95
C GLU B 471 -22.40 23.82 12.75
N GLN B 472 -23.45 23.54 11.99
CA GLN B 472 -23.85 22.16 11.70
C GLN B 472 -22.97 21.63 10.58
N CYS B 473 -21.78 21.15 10.96
CA CYS B 473 -20.87 20.55 10.01
C CYS B 473 -20.45 19.17 10.52
N GLN B 474 -21.43 18.44 11.04
CA GLN B 474 -21.36 17.00 11.14
C GLN B 474 -21.11 16.43 9.75
N PRO B 475 -20.11 15.56 9.57
CA PRO B 475 -19.77 15.15 8.23
C PRO B 475 -20.71 14.15 7.60
N SER B 476 -21.65 14.68 6.82
CA SER B 476 -22.82 13.95 6.38
C SER B 476 -22.63 13.43 4.97
N CYS B 477 -22.85 12.13 4.80
CA CYS B 477 -22.73 11.50 3.50
C CYS B 477 -23.32 10.11 3.52
N HIS C 221 0.89 -27.70 -7.28
CA HIS C 221 0.50 -26.61 -8.17
C HIS C 221 1.50 -26.43 -9.29
N SER C 222 1.02 -26.02 -10.46
CA SER C 222 1.86 -25.75 -11.61
C SER C 222 1.05 -24.97 -12.64
N LEU C 223 1.68 -23.95 -13.24
CA LEU C 223 1.02 -23.15 -14.25
C LEU C 223 1.44 -23.49 -15.67
N GLN C 224 2.58 -24.16 -15.84
CA GLN C 224 3.18 -24.37 -17.16
C GLN C 224 3.37 -23.03 -17.89
N PRO C 225 4.12 -22.11 -17.31
CA PRO C 225 4.31 -20.80 -17.96
C PRO C 225 5.19 -20.93 -19.20
N GLN C 226 4.59 -20.65 -20.34
CA GLN C 226 5.26 -20.80 -21.63
C GLN C 226 6.31 -19.71 -21.76
N LEU C 227 7.58 -20.11 -21.61
CA LEU C 227 8.70 -19.19 -21.74
C LEU C 227 9.43 -19.53 -23.03
N ASP C 228 9.73 -18.52 -23.84
CA ASP C 228 10.09 -18.74 -25.23
C ASP C 228 11.33 -17.95 -25.70
N CYS C 229 12.40 -17.98 -24.89
CA CYS C 229 13.57 -17.12 -25.08
C CYS C 229 13.90 -16.91 -26.56
N GLY C 230 13.81 -15.67 -27.00
CA GLY C 230 14.13 -15.33 -28.36
C GLY C 230 15.55 -14.78 -28.48
N PRO C 231 15.88 -14.20 -29.63
CA PRO C 231 17.21 -13.60 -29.77
C PRO C 231 17.31 -12.21 -29.19
N ARG C 232 16.21 -11.47 -29.09
CA ARG C 232 16.22 -10.14 -28.49
C ARG C 232 15.16 -9.91 -27.42
N GLU C 233 14.08 -10.70 -27.38
CA GLU C 233 13.08 -10.53 -26.35
C GLU C 233 12.93 -11.84 -25.59
N ILE C 234 13.03 -11.79 -24.27
CA ILE C 234 12.53 -12.86 -23.42
C ILE C 234 11.03 -12.68 -23.28
N LYS C 235 10.27 -13.73 -23.57
CA LYS C 235 8.82 -13.66 -23.52
C LYS C 235 8.31 -14.78 -22.62
N VAL C 236 7.43 -14.43 -21.69
CA VAL C 236 6.86 -15.38 -20.74
C VAL C 236 5.36 -15.15 -20.67
N LYS C 237 4.59 -16.14 -21.12
CA LYS C 237 3.14 -16.10 -21.04
C LYS C 237 2.65 -17.10 -20.00
N VAL C 238 1.52 -16.80 -19.38
CA VAL C 238 1.00 -17.62 -18.30
C VAL C 238 -0.45 -18.01 -18.58
N VAL C 252 -5.71 -8.48 -13.94
CA VAL C 252 -4.44 -8.82 -13.32
C VAL C 252 -3.30 -8.11 -14.04
N ILE C 253 -2.45 -7.43 -13.28
CA ILE C 253 -1.31 -6.71 -13.82
C ILE C 253 -0.04 -7.43 -13.41
N ALA C 254 0.91 -7.50 -14.33
CA ALA C 254 2.19 -8.14 -14.08
C ALA C 254 3.32 -7.14 -14.28
N TYR C 255 4.39 -7.32 -13.54
CA TYR C 255 5.52 -6.41 -13.63
C TYR C 255 6.80 -7.15 -13.25
N LEU C 256 7.91 -6.69 -13.82
CA LEU C 256 9.21 -7.31 -13.62
C LEU C 256 9.78 -6.79 -12.31
N ARG C 257 11.06 -7.05 -12.04
CA ARG C 257 11.66 -6.57 -10.81
C ARG C 257 11.65 -5.05 -10.74
N ASP C 258 11.97 -4.38 -11.84
CA ASP C 258 11.75 -2.95 -11.92
C ASP C 258 10.32 -2.66 -12.35
N PRO C 259 9.66 -1.68 -11.73
CA PRO C 259 8.19 -1.57 -11.84
C PRO C 259 7.64 -1.46 -13.25
N ASN C 260 8.42 -1.07 -14.25
CA ASN C 260 7.82 -0.95 -15.57
C ASN C 260 7.93 -2.33 -16.25
N CYS C 261 7.80 -2.36 -17.58
CA CYS C 261 7.62 -3.60 -18.32
C CYS C 261 6.32 -4.29 -17.91
N SER C 262 5.26 -3.50 -17.82
CA SER C 262 4.01 -3.92 -17.19
C SER C 262 2.93 -4.33 -18.18
N SER C 263 3.31 -4.63 -19.43
CA SER C 263 2.37 -5.03 -20.46
C SER C 263 1.29 -3.96 -20.68
N VAL C 275 3.78 -11.29 -21.29
CA VAL C 275 4.71 -10.32 -20.74
C VAL C 275 6.10 -10.49 -21.36
N THR C 276 6.66 -9.40 -21.86
CA THR C 276 7.95 -9.41 -22.52
C THR C 276 9.01 -8.74 -21.66
N SER C 277 10.25 -8.88 -22.10
CA SER C 277 11.39 -8.20 -21.50
C SER C 277 12.56 -8.23 -22.47
N PRO C 278 13.15 -7.10 -22.83
CA PRO C 278 14.33 -7.12 -23.70
C PRO C 278 15.47 -7.90 -23.05
N VAL C 279 16.22 -8.64 -23.87
CA VAL C 279 17.31 -9.44 -23.36
C VAL C 279 18.48 -8.59 -22.87
N GLN C 280 18.47 -7.30 -23.17
CA GLN C 280 19.51 -6.41 -22.68
C GLN C 280 19.50 -6.40 -21.17
N ALA C 281 20.64 -6.74 -20.57
CA ALA C 281 20.70 -6.84 -19.11
C ALA C 281 20.41 -5.52 -18.42
N SER C 282 20.56 -4.38 -19.10
CA SER C 282 20.18 -3.10 -18.54
C SER C 282 18.79 -2.71 -19.06
N ALA C 283 17.81 -3.53 -18.69
CA ALA C 283 16.41 -3.27 -19.06
C ALA C 283 15.46 -4.03 -18.15
N CYS C 284 14.69 -3.29 -17.36
CA CYS C 284 13.73 -3.87 -16.41
C CYS C 284 14.39 -4.87 -15.48
N ARG C 285 15.66 -4.63 -15.16
CA ARG C 285 16.38 -5.35 -14.11
C ARG C 285 16.40 -6.86 -14.36
N ASN C 286 16.95 -7.25 -15.50
CA ASN C 286 17.24 -8.65 -15.75
C ASN C 286 18.51 -9.05 -15.02
N ILE C 287 18.45 -10.14 -14.28
CA ILE C 287 19.62 -10.64 -13.57
C ILE C 287 20.48 -11.46 -14.52
N LEU C 288 21.76 -11.14 -14.61
CA LEU C 288 22.69 -11.90 -15.43
C LEU C 288 23.51 -12.83 -14.53
N GLU C 289 23.52 -14.11 -14.87
CA GLU C 289 24.34 -15.10 -14.17
C GLU C 289 25.02 -15.94 -15.24
N ARG C 290 26.31 -15.66 -15.47
CA ARG C 290 27.07 -16.38 -16.47
C ARG C 290 27.81 -17.56 -15.81
N ASN C 291 27.05 -18.61 -15.51
CA ASN C 291 27.74 -19.80 -15.04
C ASN C 291 28.54 -20.38 -16.21
N GLN C 292 29.64 -21.04 -15.85
CA GLN C 292 30.76 -21.20 -16.78
C GLN C 292 30.31 -21.80 -18.11
N THR C 293 30.71 -21.16 -19.22
CA THR C 293 30.32 -21.53 -20.58
C THR C 293 28.81 -21.49 -20.79
N HIS C 294 28.12 -20.54 -20.18
CA HIS C 294 26.73 -20.24 -20.50
C HIS C 294 26.38 -18.90 -19.86
N ALA C 295 25.19 -18.40 -20.20
CA ALA C 295 24.71 -17.15 -19.63
C ALA C 295 23.21 -17.24 -19.46
N ILE C 296 22.73 -17.07 -18.22
CA ILE C 296 21.31 -17.19 -17.93
C ILE C 296 20.79 -15.82 -17.49
N TYR C 297 19.63 -15.46 -18.02
CA TYR C 297 18.91 -14.26 -17.63
C TYR C 297 17.80 -14.69 -16.67
N LYS C 298 18.02 -14.47 -15.39
CA LYS C 298 17.03 -14.77 -14.37
C LYS C 298 16.17 -13.54 -14.12
N ASN C 299 14.88 -13.78 -13.88
CA ASN C 299 13.98 -12.69 -13.54
C ASN C 299 12.85 -13.24 -12.69
N THR C 300 12.19 -12.35 -11.96
CA THR C 300 11.07 -12.72 -11.09
C THR C 300 9.87 -11.87 -11.48
N LEU C 301 9.12 -12.32 -12.48
CA LEU C 301 7.86 -11.69 -12.78
C LEU C 301 6.92 -11.84 -11.59
N SER C 302 6.03 -10.88 -11.42
CA SER C 302 5.02 -10.96 -10.37
C SER C 302 3.67 -10.62 -10.97
N LEU C 303 2.69 -11.48 -10.70
CA LEU C 303 1.30 -11.24 -11.09
C LEU C 303 0.49 -10.91 -9.85
N VAL C 304 -0.25 -9.80 -9.90
CA VAL C 304 -1.09 -9.37 -8.79
C VAL C 304 -2.43 -8.95 -9.36
N ASN C 305 -3.50 -9.28 -8.64
CA ASN C 305 -4.85 -9.05 -9.16
C ASN C 305 -5.12 -7.57 -9.38
N ASP C 306 -4.86 -6.75 -8.36
CA ASP C 306 -5.04 -5.31 -8.43
C ASP C 306 -3.76 -4.65 -7.94
N PHE C 307 -3.59 -3.35 -8.27
CA PHE C 307 -2.38 -2.69 -7.81
C PHE C 307 -2.33 -2.57 -6.29
N ILE C 308 -3.45 -2.82 -5.63
CA ILE C 308 -3.47 -3.19 -4.22
C ILE C 308 -3.87 -4.65 -4.12
N ILE C 309 -3.28 -5.37 -3.16
CA ILE C 309 -3.42 -6.82 -3.12
C ILE C 309 -3.74 -7.30 -1.72
N ARG C 310 -4.33 -8.49 -1.66
CA ARG C 310 -4.80 -9.09 -0.40
C ARG C 310 -4.53 -10.59 -0.45
N ASP C 311 -3.42 -10.99 0.17
CA ASP C 311 -3.06 -12.37 0.50
C ASP C 311 -2.63 -13.22 -0.70
N THR C 312 -2.63 -12.68 -1.91
CA THR C 312 -2.37 -13.50 -3.09
C THR C 312 -1.47 -12.75 -4.08
N ILE C 313 -0.27 -13.29 -4.31
CA ILE C 313 0.57 -12.86 -5.41
C ILE C 313 1.00 -14.10 -6.18
N LEU C 314 1.62 -13.88 -7.34
CA LEU C 314 2.09 -14.96 -8.20
C LEU C 314 3.52 -14.63 -8.61
N ASN C 315 4.50 -15.14 -7.86
CA ASN C 315 5.90 -14.81 -8.06
C ASN C 315 6.51 -15.86 -8.99
N ILE C 316 6.48 -15.58 -10.29
CA ILE C 316 6.99 -16.49 -11.30
C ILE C 316 8.46 -16.17 -11.55
N ASN C 317 9.34 -17.05 -11.09
CA ASN C 317 10.78 -16.87 -11.24
C ASN C 317 11.22 -17.67 -12.46
N PHE C 318 11.44 -16.99 -13.58
CA PHE C 318 11.80 -17.65 -14.81
C PHE C 318 13.20 -17.24 -15.26
N GLN C 319 13.94 -18.20 -15.82
CA GLN C 319 15.31 -17.96 -16.28
C GLN C 319 15.45 -18.43 -17.72
N CYS C 320 16.30 -17.74 -18.48
CA CYS C 320 16.59 -18.07 -19.87
C CYS C 320 18.06 -18.46 -19.97
N ALA C 321 18.32 -19.72 -20.32
CA ALA C 321 19.69 -20.23 -20.41
C ALA C 321 20.12 -20.19 -21.87
N TYR C 322 20.94 -19.18 -22.21
CA TYR C 322 21.41 -19.00 -23.60
C TYR C 322 22.82 -19.59 -23.76
N PRO C 323 23.26 -19.94 -24.99
CA PRO C 323 24.57 -20.57 -25.20
C PRO C 323 25.66 -19.55 -25.41
#